data_5E74
#
_entry.id   5E74
#
_cell.length_a   80.649
_cell.length_b   96.580
_cell.length_c   57.914
_cell.angle_alpha   90.000
_cell.angle_beta   90.000
_cell.angle_gamma   90.000
#
_symmetry.space_group_name_H-M   'C 2 2 21'
#
loop_
_entity.id
_entity.type
_entity.pdbx_description
1 polymer 'Bromodomain adjacent to zinc finger domain protein 2B'
2 non-polymer N-(1-acetyl-1H-indol-3-yl)-N-(5-hydroxy-2-methylphenyl)-3-(trifluoromethyl)benzamide
3 water water
#
_entity_poly.entity_id   1
_entity_poly.type   'polypeptide(L)'
_entity_poly.pdbx_seq_one_letter_code
;SMSVKKPKRDDSKDLALCSMILTEMETHEDAWPFLLPVNLKLVPGYKKVIKKPMDFSTIREKLSSGQYPNLETFALDVRL
VFDNCETFNEDDSDIGRAGHNMRKYFEKKWTDTFKV
;
_entity_poly.pdbx_strand_id   A
#
# COMPACT_ATOMS: atom_id res chain seq x y z
N SER A 1 7.94 28.41 -5.92
CA SER A 1 8.04 28.79 -7.31
C SER A 1 9.52 28.93 -7.72
N MET A 2 9.80 29.46 -8.91
CA MET A 2 11.18 29.58 -9.37
C MET A 2 12.06 30.36 -8.39
N SER A 3 13.11 29.70 -7.88
CA SER A 3 14.03 30.25 -6.88
C SER A 3 13.38 30.57 -5.52
N VAL A 4 12.17 30.08 -5.31
CA VAL A 4 11.55 30.22 -3.99
C VAL A 4 11.27 28.83 -3.46
N LYS A 5 12.16 28.35 -2.62
CA LYS A 5 12.07 26.97 -2.19
C LYS A 5 11.85 26.83 -0.70
N LYS A 6 10.96 25.92 -0.40
CA LYS A 6 10.54 25.59 0.93
C LYS A 6 11.70 24.80 1.54
N PRO A 7 11.98 24.99 2.84
CA PRO A 7 12.95 24.05 3.41
C PRO A 7 12.34 22.66 3.33
N LYS A 8 13.06 21.72 2.74
CA LYS A 8 12.48 20.42 2.43
C LYS A 8 13.16 19.33 3.25
N ARG A 9 12.35 18.39 3.73
CA ARG A 9 12.85 17.34 4.61
C ARG A 9 13.97 16.51 3.97
N ASP A 10 14.73 15.83 4.83
CA ASP A 10 15.71 14.87 4.38
C ASP A 10 15.00 13.59 3.92
N ASP A 11 14.99 13.34 2.61
CA ASP A 11 14.30 12.16 2.06
C ASP A 11 15.23 10.96 1.85
N SER A 12 16.45 11.10 2.36
CA SER A 12 17.50 10.09 2.23
C SER A 12 17.16 8.70 2.75
N LYS A 13 16.32 8.62 3.78
CA LYS A 13 16.01 7.33 4.39
C LYS A 13 14.66 6.79 3.97
N ASP A 14 13.94 7.55 3.16
CA ASP A 14 12.55 7.20 2.79
C ASP A 14 12.44 5.82 2.15
N LEU A 15 13.30 5.53 1.18
CA LEU A 15 13.29 4.23 0.53
C LEU A 15 13.44 3.09 1.55
N ALA A 16 14.39 3.24 2.46
CA ALA A 16 14.63 2.23 3.48
C ALA A 16 13.44 2.14 4.44
N LEU A 17 12.89 3.29 4.81
CA LEU A 17 11.76 3.34 5.75
C LEU A 17 10.49 2.72 5.15
N CYS A 18 10.25 2.99 3.87
CA CYS A 18 9.07 2.42 3.22
C CYS A 18 9.22 0.90 3.12
N SER A 19 10.43 0.43 2.88
CA SER A 19 10.67 -1.01 2.78
C SER A 19 10.39 -1.68 4.13
N MET A 20 10.80 -1.01 5.20
CA MET A 20 10.57 -1.51 6.55
C MET A 20 9.07 -1.58 6.86
N ILE A 21 8.33 -0.52 6.55
CA ILE A 21 6.88 -0.54 6.73
C ILE A 21 6.22 -1.64 5.92
N LEU A 22 6.68 -1.84 4.68
CA LEU A 22 6.08 -2.89 3.85
C LEU A 22 6.35 -4.26 4.46
N THR A 23 7.56 -4.47 4.98
CA THR A 23 7.87 -5.74 5.65
C THR A 23 6.94 -5.96 6.86
N GLU A 24 6.71 -4.91 7.62
CA GLU A 24 5.82 -5.02 8.77
C GLU A 24 4.39 -5.36 8.34
N MET A 25 3.95 -4.77 7.23
CA MET A 25 2.65 -5.11 6.67
C MET A 25 2.57 -6.58 6.27
N GLU A 26 3.62 -7.06 5.62
CA GLU A 26 3.64 -8.42 5.08
C GLU A 26 3.68 -9.46 6.17
N THR A 27 4.18 -9.11 7.35
CA THR A 27 4.31 -10.07 8.41
C THR A 27 3.10 -10.06 9.36
N HIS A 28 2.21 -9.09 9.18
CA HIS A 28 0.96 -9.01 9.95
C HIS A 28 0.13 -10.25 9.66
N GLU A 29 -0.51 -10.84 10.67
CA GLU A 29 -1.23 -12.09 10.44
C GLU A 29 -2.45 -11.91 9.53
N ASP A 30 -2.92 -10.67 9.37
CA ASP A 30 -4.04 -10.43 8.46
C ASP A 30 -3.59 -9.99 7.07
N ALA A 31 -2.30 -10.13 6.78
CA ALA A 31 -1.81 -9.76 5.45
C ALA A 31 -2.17 -10.73 4.33
N TRP A 32 -2.58 -11.95 4.67
CA TRP A 32 -2.71 -13.01 3.66
C TRP A 32 -3.58 -12.69 2.42
N PRO A 33 -4.67 -11.89 2.55
CA PRO A 33 -5.40 -11.61 1.30
C PRO A 33 -4.65 -10.70 0.31
N PHE A 34 -3.55 -10.10 0.74
CA PHE A 34 -2.93 -8.99 0.01
C PHE A 34 -1.51 -9.30 -0.42
N LEU A 35 -1.03 -10.51 -0.11
CA LEU A 35 0.39 -10.81 -0.30
C LEU A 35 0.70 -11.05 -1.77
N LEU A 36 -0.28 -11.52 -2.52
CA LEU A 36 -0.08 -11.85 -3.95
C LEU A 36 -1.19 -11.23 -4.78
N PRO A 37 -0.98 -11.07 -6.11
CA PRO A 37 -2.05 -10.51 -6.94
C PRO A 37 -3.30 -11.37 -6.90
N VAL A 38 -4.47 -10.75 -6.93
CA VAL A 38 -5.69 -11.51 -7.08
C VAL A 38 -5.64 -12.25 -8.40
N ASN A 39 -6.03 -13.51 -8.39
CA ASN A 39 -5.94 -14.33 -9.61
C ASN A 39 -7.07 -13.98 -10.56
N LEU A 40 -6.75 -13.25 -11.62
CA LEU A 40 -7.76 -12.71 -12.53
C LEU A 40 -8.43 -13.79 -13.36
N LYS A 41 -7.79 -14.95 -13.50
CA LYS A 41 -8.42 -16.05 -14.22
C LYS A 41 -9.33 -16.89 -13.33
N LEU A 42 -9.16 -16.80 -12.02
CA LEU A 42 -9.94 -17.67 -11.12
C LEU A 42 -10.99 -16.91 -10.31
N VAL A 43 -10.92 -15.59 -10.31
CA VAL A 43 -11.91 -14.81 -9.56
C VAL A 43 -12.83 -14.02 -10.51
N PRO A 44 -14.06 -14.53 -10.70
CA PRO A 44 -15.03 -13.84 -11.57
C PRO A 44 -15.26 -12.40 -11.17
N GLY A 45 -15.36 -11.52 -12.16
CA GLY A 45 -15.63 -10.12 -11.91
C GLY A 45 -14.42 -9.23 -11.66
N TYR A 46 -13.38 -9.79 -11.04
CA TYR A 46 -12.32 -8.95 -10.50
C TYR A 46 -11.62 -8.11 -11.56
N LYS A 47 -11.26 -8.73 -12.69
CA LYS A 47 -10.56 -8.01 -13.75
C LYS A 47 -11.43 -6.88 -14.31
N LYS A 48 -12.73 -7.13 -14.44
CA LYS A 48 -13.60 -6.14 -15.08
C LYS A 48 -13.90 -5.01 -14.11
N VAL A 49 -14.08 -5.36 -12.84
CA VAL A 49 -14.51 -4.40 -11.83
C VAL A 49 -13.35 -3.57 -11.24
N ILE A 50 -12.21 -4.20 -10.99
CA ILE A 50 -11.10 -3.51 -10.32
C ILE A 50 -10.10 -3.00 -11.36
N LYS A 51 -10.15 -1.70 -11.63
CA LYS A 51 -9.44 -1.15 -12.79
C LYS A 51 -7.93 -1.13 -12.58
N LYS A 52 -7.48 -0.99 -11.33
CA LYS A 52 -6.06 -0.98 -11.02
C LYS A 52 -5.75 -1.91 -9.84
N PRO A 53 -5.60 -3.20 -10.14
CA PRO A 53 -5.23 -4.16 -9.09
C PRO A 53 -3.89 -3.79 -8.48
N MET A 54 -3.78 -4.05 -7.18
CA MET A 54 -2.51 -3.85 -6.49
C MET A 54 -2.43 -4.80 -5.27
N ASP A 55 -1.22 -5.20 -4.91
CA ASP A 55 -0.98 -6.12 -3.81
C ASP A 55 0.42 -5.88 -3.26
N PHE A 56 0.70 -6.43 -2.09
CA PHE A 56 1.98 -6.16 -1.43
C PHE A 56 3.20 -6.63 -2.24
N SER A 57 3.10 -7.77 -2.92
CA SER A 57 4.25 -8.26 -3.69
C SER A 57 4.60 -7.34 -4.87
N THR A 58 3.57 -6.75 -5.47
CA THR A 58 3.75 -5.82 -6.59
C THR A 58 4.33 -4.50 -6.06
N ILE A 59 3.84 -4.06 -4.91
CA ILE A 59 4.43 -2.88 -4.27
C ILE A 59 5.93 -3.12 -3.96
N ARG A 60 6.26 -4.31 -3.44
CA ARG A 60 7.66 -4.65 -3.17
C ARG A 60 8.52 -4.58 -4.43
N GLU A 61 8.02 -5.15 -5.51
CA GLU A 61 8.73 -5.13 -6.78
C GLU A 61 8.94 -3.72 -7.29
N LYS A 62 7.88 -2.90 -7.23
CA LYS A 62 7.97 -1.50 -7.63
C LYS A 62 8.96 -0.73 -6.77
N LEU A 63 8.87 -0.94 -5.46
CA LEU A 63 9.77 -0.26 -4.54
C LEU A 63 11.22 -0.61 -4.81
N SER A 64 11.51 -1.90 -4.95
CA SER A 64 12.88 -2.36 -5.11
C SER A 64 13.49 -2.00 -6.48
N SER A 65 12.66 -1.58 -7.42
CA SER A 65 13.16 -1.28 -8.77
C SER A 65 13.03 0.20 -9.13
N GLY A 66 12.90 1.05 -8.10
CA GLY A 66 12.88 2.49 -8.27
C GLY A 66 11.66 3.04 -8.99
N GLN A 67 10.51 2.38 -8.84
CA GLN A 67 9.33 2.84 -9.55
C GLN A 67 8.43 3.79 -8.73
N TYR A 68 8.79 4.07 -7.47
CA TYR A 68 8.11 5.13 -6.73
C TYR A 68 8.97 6.39 -6.72
N PRO A 69 8.46 7.46 -7.34
CA PRO A 69 9.15 8.75 -7.38
C PRO A 69 9.35 9.36 -6.00
N ASN A 70 8.44 9.07 -5.07
CA ASN A 70 8.48 9.66 -3.74
C ASN A 70 7.63 8.86 -2.77
N LEU A 71 7.66 9.20 -1.48
CA LEU A 71 6.94 8.37 -0.52
C LEU A 71 5.41 8.45 -0.71
N GLU A 72 4.91 9.57 -1.22
CA GLU A 72 3.46 9.69 -1.36
CA GLU A 72 3.47 9.73 -1.42
C GLU A 72 2.92 8.75 -2.45
N THR A 73 3.70 8.49 -3.50
CA THR A 73 3.25 7.54 -4.52
C THR A 73 3.25 6.13 -3.96
N PHE A 74 4.15 5.85 -3.01
CA PHE A 74 4.16 4.56 -2.31
C PHE A 74 2.88 4.41 -1.47
N ALA A 75 2.57 5.45 -0.68
CA ALA A 75 1.36 5.46 0.15
C ALA A 75 0.09 5.29 -0.68
N LEU A 76 0.06 5.89 -1.88
CA LEU A 76 -1.11 5.76 -2.75
C LEU A 76 -1.36 4.32 -3.18
N ASP A 77 -0.29 3.61 -3.51
CA ASP A 77 -0.42 2.20 -3.90
C ASP A 77 -0.83 1.34 -2.70
N VAL A 78 -0.31 1.63 -1.52
CA VAL A 78 -0.75 0.85 -0.36
C VAL A 78 -2.24 1.07 -0.13
N ARG A 79 -2.68 2.31 -0.23
CA ARG A 79 -4.10 2.62 -0.01
C ARG A 79 -4.98 2.01 -1.09
N LEU A 80 -4.48 1.98 -2.31
CA LEU A 80 -5.16 1.32 -3.43
C LEU A 80 -5.47 -0.15 -3.11
N VAL A 81 -4.53 -0.84 -2.45
CA VAL A 81 -4.79 -2.22 -2.02
C VAL A 81 -6.08 -2.27 -1.17
N PHE A 82 -6.21 -1.36 -0.22
CA PHE A 82 -7.36 -1.44 0.69
C PHE A 82 -8.63 -0.83 0.07
N ASP A 83 -8.45 0.11 -0.85
CA ASP A 83 -9.60 0.63 -1.58
C ASP A 83 -10.17 -0.45 -2.51
N ASN A 84 -9.30 -1.16 -3.22
CA ASN A 84 -9.79 -2.29 -4.02
C ASN A 84 -10.54 -3.30 -3.15
N CYS A 85 -9.96 -3.61 -1.99
CA CYS A 85 -10.54 -4.60 -1.09
C CYS A 85 -11.94 -4.19 -0.65
N GLU A 86 -12.12 -2.91 -0.37
CA GLU A 86 -13.43 -2.39 0.05
C GLU A 86 -14.42 -2.48 -1.10
N THR A 87 -13.96 -2.19 -2.31
CA THR A 87 -14.82 -2.24 -3.48
C THR A 87 -15.38 -3.65 -3.72
N PHE A 88 -14.56 -4.66 -3.47
CA PHE A 88 -14.92 -6.02 -3.90
C PHE A 88 -15.40 -6.92 -2.78
N ASN A 89 -15.24 -6.46 -1.54
CA ASN A 89 -15.58 -7.31 -0.40
C ASN A 89 -16.59 -6.63 0.51
N GLU A 90 -17.55 -7.42 0.99
CA GLU A 90 -18.44 -6.99 2.05
C GLU A 90 -17.61 -6.67 3.31
N ASP A 91 -17.97 -5.60 4.01
CA ASP A 91 -17.37 -5.26 5.29
C ASP A 91 -17.51 -6.43 6.27
N ASP A 92 -18.67 -7.07 6.25
CA ASP A 92 -18.91 -8.19 7.13
C ASP A 92 -18.44 -9.50 6.48
N SER A 93 -17.12 -9.62 6.30
CA SER A 93 -16.47 -10.82 5.78
C SER A 93 -15.06 -10.83 6.32
N ASP A 94 -14.39 -12.00 6.28
CA ASP A 94 -13.00 -12.09 6.76
C ASP A 94 -12.05 -11.15 6.00
N ILE A 95 -12.13 -11.17 4.67
CA ILE A 95 -11.26 -10.30 3.88
C ILE A 95 -11.65 -8.83 4.04
N GLY A 96 -12.94 -8.56 4.12
CA GLY A 96 -13.42 -7.23 4.43
C GLY A 96 -12.81 -6.69 5.72
N ARG A 97 -12.87 -7.46 6.79
CA ARG A 97 -12.29 -7.05 8.07
C ARG A 97 -10.77 -6.96 7.99
N ALA A 98 -10.15 -7.89 7.28
CA ALA A 98 -8.70 -7.86 7.09
C ALA A 98 -8.25 -6.54 6.48
N GLY A 99 -8.96 -6.11 5.44
CA GLY A 99 -8.65 -4.86 4.79
C GLY A 99 -8.75 -3.66 5.72
N HIS A 100 -9.80 -3.64 6.52
CA HIS A 100 -9.96 -2.59 7.54
C HIS A 100 -8.80 -2.57 8.51
N ASN A 101 -8.47 -3.74 9.04
CA ASN A 101 -7.39 -3.85 10.00
C ASN A 101 -6.08 -3.40 9.40
N MET A 102 -5.80 -3.82 8.18
CA MET A 102 -4.49 -3.54 7.60
C MET A 102 -4.34 -2.07 7.25
N ARG A 103 -5.43 -1.43 6.84
CA ARG A 103 -5.37 -0.01 6.56
C ARG A 103 -5.05 0.79 7.82
N LYS A 104 -5.74 0.46 8.90
CA LYS A 104 -5.50 1.11 10.20
C LYS A 104 -4.05 0.90 10.65
N TYR A 105 -3.56 -0.32 10.48
CA TYR A 105 -2.20 -0.68 10.86
C TYR A 105 -1.20 0.17 10.07
N PHE A 106 -1.43 0.27 8.76
CA PHE A 106 -0.58 1.07 7.88
C PHE A 106 -0.57 2.53 8.29
N GLU A 107 -1.76 3.11 8.47
CA GLU A 107 -1.84 4.55 8.66
C GLU A 107 -1.13 4.96 9.94
N LYS A 108 -1.12 4.08 10.93
CA LYS A 108 -0.44 4.43 12.17
C LYS A 108 1.07 4.39 11.97
N LYS A 109 1.55 3.35 11.30
CA LYS A 109 2.98 3.24 11.04
C LYS A 109 3.42 4.39 10.16
N TRP A 110 2.57 4.76 9.21
CA TRP A 110 2.86 5.90 8.33
C TRP A 110 3.03 7.19 9.13
N THR A 111 2.07 7.45 10.01
CA THR A 111 2.12 8.63 10.87
C THR A 111 3.33 8.58 11.81
N ASP A 112 3.54 7.42 12.44
CA ASP A 112 4.64 7.27 13.39
C ASP A 112 6.01 7.37 12.73
N THR A 113 6.11 7.06 11.45
CA THR A 113 7.41 7.05 10.78
C THR A 113 7.75 8.41 10.16
N PHE A 114 6.78 9.11 9.61
CA PHE A 114 7.08 10.24 8.74
C PHE A 114 6.54 11.60 9.18
N LYS A 115 5.48 11.62 9.98
CA LYS A 115 4.98 12.90 10.48
C LYS A 115 5.70 13.25 11.78
N VAL A 116 6.97 13.63 11.62
CA VAL A 116 7.95 13.79 12.71
C VAL A 116 7.64 12.91 13.93
#